data_8WMK
#
_entry.id   8WMK
#
_cell.length_a   117.715
_cell.length_b   113.841
_cell.length_c   83.206
_cell.angle_alpha   90.00
_cell.angle_beta   128.14
_cell.angle_gamma   90.00
#
_symmetry.space_group_name_H-M   'C 1 2 1'
#
loop_
_entity.id
_entity.type
_entity.pdbx_description
1 polymer Concanavalin-A
2 non-polymer '4-[3-(4-carboxyphenyl)phenyl]benzoic acid'
3 non-polymer ETHANOLAMINE
4 non-polymer alpha-D-mannopyranose
5 non-polymer 'MANGANESE (II) ION'
6 non-polymer 'CALCIUM ION'
7 water water
#
_entity_poly.entity_id   1
_entity_poly.type   'polypeptide(L)'
_entity_poly.pdbx_seq_one_letter_code
;ADTIVAVELDTYPNTDIGDPSYPHIGIDIKSVRSKKTAKWNMQNGKVGTAHIIYNSVDKRLSAVVSYPNADSATVSYDVD
LDNVLPEWVRVGLSASTGLYKETNTILSWSFTSKLKSNSTHETNALHFMFNQFSKDQKDLILQGDATTGTDGNLELTRVS
SNGSPQGSSVGRALFYAPVHIWESSAVVASFEATFTFLIKSPDSHPADGIAFFISNIDSSIPSGSTGRLLGLFPDAN
;
_entity_poly.pdbx_strand_id   A,B
#
# COMPACT_ATOMS: atom_id res chain seq x y z
N ALA A 1 -11.87 -27.20 10.44
CA ALA A 1 -12.46 -25.83 10.42
C ALA A 1 -11.57 -24.95 9.54
N ASP A 2 -12.17 -24.24 8.58
CA ASP A 2 -11.43 -23.27 7.72
C ASP A 2 -10.81 -22.20 8.61
N THR A 3 -9.72 -21.58 8.13
CA THR A 3 -9.11 -20.34 8.66
C THR A 3 -9.56 -19.18 7.78
N ILE A 4 -10.15 -18.15 8.37
CA ILE A 4 -10.83 -17.07 7.59
C ILE A 4 -10.32 -15.74 8.12
N VAL A 5 -9.96 -14.85 7.20
CA VAL A 5 -9.75 -13.41 7.47
C VAL A 5 -10.68 -12.64 6.53
N ALA A 6 -11.54 -11.78 7.03
CA ALA A 6 -12.54 -11.13 6.16
C ALA A 6 -12.72 -9.65 6.51
N VAL A 7 -13.07 -8.88 5.48
CA VAL A 7 -13.78 -7.57 5.56
C VAL A 7 -15.26 -7.84 5.24
N GLU A 8 -16.14 -7.62 6.21
CA GLU A 8 -17.61 -7.75 6.00
C GLU A 8 -18.23 -6.38 5.70
N LEU A 9 -19.09 -6.31 4.69
CA LEU A 9 -20.14 -5.26 4.49
C LEU A 9 -21.43 -5.86 5.10
N ASP A 10 -21.73 -5.54 6.36
CA ASP A 10 -22.79 -6.19 7.17
C ASP A 10 -24.01 -5.27 7.13
N THR A 11 -25.05 -5.68 6.43
CA THR A 11 -26.28 -4.85 6.21
C THR A 11 -27.33 -5.09 7.30
N TYR A 12 -27.20 -6.14 8.13
CA TYR A 12 -28.26 -6.53 9.10
C TYR A 12 -27.71 -6.69 10.50
N PRO A 13 -28.28 -5.95 11.49
CA PRO A 13 -27.77 -5.91 12.86
C PRO A 13 -28.21 -7.14 13.67
N ASN A 14 -27.29 -8.10 13.85
CA ASN A 14 -27.45 -9.26 14.76
C ASN A 14 -26.80 -8.86 16.09
N THR A 15 -27.57 -8.14 16.93
CA THR A 15 -27.10 -7.48 18.18
C THR A 15 -26.79 -8.57 19.23
N ASP A 16 -27.38 -9.77 19.09
CA ASP A 16 -27.14 -10.88 20.04
C ASP A 16 -25.74 -11.49 19.85
N ILE A 17 -25.08 -11.28 18.70
CA ILE A 17 -23.71 -11.80 18.44
C ILE A 17 -22.70 -10.66 18.19
N GLY A 18 -22.88 -9.50 18.81
CA GLY A 18 -21.87 -8.41 18.83
C GLY A 18 -22.06 -7.38 17.74
N ASP A 19 -23.06 -7.53 16.86
CA ASP A 19 -23.32 -6.47 15.83
C ASP A 19 -23.77 -5.21 16.55
N PRO A 20 -23.39 -4.02 16.03
CA PRO A 20 -24.06 -2.79 16.46
C PRO A 20 -25.46 -2.73 15.82
N SER A 21 -26.29 -1.77 16.25
CA SER A 21 -27.71 -1.52 15.83
C SER A 21 -27.87 -1.31 14.33
N TYR A 22 -26.82 -0.92 13.63
CA TYR A 22 -26.91 -0.31 12.27
C TYR A 22 -26.07 -1.12 11.28
N PRO A 23 -26.30 -0.97 9.96
CA PRO A 23 -25.38 -1.48 8.95
C PRO A 23 -23.96 -0.96 9.22
N HIS A 24 -22.97 -1.80 8.95
CA HIS A 24 -21.57 -1.57 9.37
C HIS A 24 -20.62 -2.39 8.50
N ILE A 25 -19.36 -2.00 8.53
CA ILE A 25 -18.22 -2.73 7.90
C ILE A 25 -17.38 -3.23 9.05
N GLY A 26 -16.62 -4.29 8.84
CA GLY A 26 -15.89 -4.91 9.96
C GLY A 26 -14.71 -5.71 9.49
N ILE A 27 -13.77 -5.90 10.38
CA ILE A 27 -12.61 -6.80 10.11
C ILE A 27 -12.83 -8.05 10.97
N ASP A 28 -12.97 -9.19 10.30
CA ASP A 28 -13.18 -10.51 10.95
C ASP A 28 -11.87 -11.30 10.87
N ILE A 29 -11.25 -11.55 12.02
CA ILE A 29 -10.08 -12.46 12.17
C ILE A 29 -10.59 -13.71 12.88
N LYS A 30 -10.93 -14.75 12.11
CA LYS A 30 -11.27 -16.12 12.61
C LYS A 30 -12.56 -16.12 13.43
N SER A 31 -13.39 -15.08 13.33
CA SER A 31 -14.68 -14.95 14.07
C SER A 31 -15.59 -13.98 13.32
N VAL A 32 -16.90 -14.25 13.30
CA VAL A 32 -17.93 -13.35 12.70
C VAL A 32 -18.06 -12.11 13.59
N ARG A 33 -17.65 -12.23 14.85
CA ARG A 33 -17.65 -11.11 15.82
C ARG A 33 -16.46 -10.22 15.48
N SER A 34 -16.70 -9.24 14.60
CA SER A 34 -15.66 -8.32 14.06
C SER A 34 -14.75 -7.87 15.19
N LYS A 35 -13.45 -7.85 15.01
CA LYS A 35 -12.49 -7.24 15.96
C LYS A 35 -12.66 -5.72 15.98
N LYS A 36 -13.00 -5.13 14.84
CA LYS A 36 -13.27 -3.67 14.70
C LYS A 36 -14.38 -3.45 13.67
N THR A 37 -15.32 -2.54 13.97
CA THR A 37 -16.45 -2.18 13.08
C THR A 37 -16.48 -0.67 12.87
N ALA A 38 -17.12 -0.19 11.81
CA ALA A 38 -17.47 1.22 11.60
C ALA A 38 -18.85 1.23 10.98
N LYS A 39 -19.60 2.27 11.34
CA LYS A 39 -20.94 2.59 10.84
C LYS A 39 -20.82 2.75 9.33
N TRP A 40 -21.83 2.27 8.62
CA TRP A 40 -21.90 2.21 7.14
C TRP A 40 -23.34 2.48 6.71
N ASN A 41 -23.56 3.58 5.98
CA ASN A 41 -24.87 3.98 5.41
C ASN A 41 -24.97 3.31 4.03
N MET A 42 -25.11 1.99 4.04
CA MET A 42 -25.41 1.21 2.82
C MET A 42 -26.48 1.99 2.06
N GLN A 43 -26.38 2.10 0.74
CA GLN A 43 -27.40 2.79 -0.09
C GLN A 43 -28.06 1.77 -1.01
N ASN A 44 -29.33 1.47 -0.73
CA ASN A 44 -30.17 0.44 -1.40
C ASN A 44 -30.31 0.79 -2.90
N GLY A 45 -30.05 -0.17 -3.79
CA GLY A 45 -30.15 0.01 -5.26
C GLY A 45 -28.96 0.73 -5.90
N LYS A 46 -28.01 1.28 -5.13
CA LYS A 46 -26.86 2.06 -5.66
C LYS A 46 -25.60 1.19 -5.77
N VAL A 47 -24.78 1.43 -6.80
CA VAL A 47 -23.47 0.76 -7.00
C VAL A 47 -22.46 1.35 -6.03
N GLY A 48 -21.91 0.51 -5.16
CA GLY A 48 -20.84 0.89 -4.20
C GLY A 48 -19.51 0.30 -4.60
N THR A 49 -18.47 0.70 -3.88
CA THR A 49 -17.06 0.35 -4.13
C THR A 49 -16.40 0.07 -2.78
N ALA A 50 -15.77 -1.10 -2.63
CA ALA A 50 -14.87 -1.45 -1.51
C ALA A 50 -13.42 -1.54 -1.99
N HIS A 51 -12.51 -0.90 -1.27
CA HIS A 51 -11.03 -1.02 -1.37
C HIS A 51 -10.52 -1.59 -0.05
N ILE A 52 -9.81 -2.71 -0.11
CA ILE A 52 -9.14 -3.36 1.05
C ILE A 52 -7.64 -3.27 0.78
N ILE A 53 -6.80 -3.05 1.80
CA ILE A 53 -5.31 -2.97 1.67
C ILE A 53 -4.63 -3.56 2.91
N TYR A 54 -3.46 -4.18 2.73
CA TYR A 54 -2.58 -4.66 3.82
C TYR A 54 -1.11 -4.51 3.41
N ASN A 55 -0.20 -4.22 4.35
CA ASN A 55 1.22 -4.57 4.09
C ASN A 55 1.89 -5.12 5.35
N SER A 56 2.94 -5.90 5.15
CA SER A 56 3.73 -6.56 6.21
C SER A 56 4.54 -5.53 7.01
N VAL A 57 4.67 -4.29 6.52
CA VAL A 57 5.45 -3.21 7.18
C VAL A 57 4.59 -2.59 8.28
N ASP A 58 3.33 -2.29 8.01
CA ASP A 58 2.39 -1.66 8.99
C ASP A 58 1.63 -2.75 9.74
N LYS A 59 1.56 -3.94 9.17
CA LYS A 59 0.66 -5.02 9.64
C LYS A 59 -0.69 -4.40 10.04
N ARG A 60 -1.27 -3.55 9.20
CA ARG A 60 -2.60 -2.93 9.38
C ARG A 60 -3.48 -3.32 8.19
N LEU A 61 -4.58 -4.04 8.44
CA LEU A 61 -5.61 -4.41 7.44
C LEU A 61 -6.67 -3.29 7.44
N SER A 62 -6.84 -2.61 6.32
CA SER A 62 -7.75 -1.43 6.21
C SER A 62 -8.75 -1.65 5.09
N ALA A 63 -10.00 -1.22 5.29
CA ALA A 63 -11.06 -1.28 4.27
C ALA A 63 -11.71 0.10 4.19
N VAL A 64 -12.02 0.54 2.97
CA VAL A 64 -12.76 1.79 2.66
C VAL A 64 -13.95 1.40 1.79
N VAL A 65 -15.17 1.77 2.19
CA VAL A 65 -16.36 1.58 1.32
C VAL A 65 -17.01 2.94 1.08
N SER A 66 -17.44 3.20 -0.15
CA SER A 66 -17.96 4.52 -0.57
C SER A 66 -19.03 4.36 -1.65
N TYR A 67 -19.89 5.36 -1.77
CA TYR A 67 -20.83 5.54 -2.89
C TYR A 67 -20.47 6.85 -3.58
N PRO A 68 -20.86 7.09 -4.86
CA PRO A 68 -20.74 8.42 -5.45
C PRO A 68 -21.52 9.44 -4.59
N ASN A 69 -20.87 10.55 -4.23
CA ASN A 69 -21.52 11.75 -3.63
C ASN A 69 -21.86 11.47 -2.16
N ALA A 70 -21.17 10.54 -1.49
CA ALA A 70 -21.35 10.25 -0.04
C ALA A 70 -19.99 10.15 0.66
N ASP A 71 -19.94 10.51 1.93
CA ASP A 71 -18.81 10.20 2.85
C ASP A 71 -18.59 8.69 2.86
N SER A 72 -17.32 8.32 3.00
CA SER A 72 -16.82 6.92 3.08
C SER A 72 -16.97 6.40 4.51
N ALA A 73 -17.10 5.08 4.64
CA ALA A 73 -16.85 4.29 5.87
C ALA A 73 -15.46 3.65 5.72
N THR A 74 -14.61 3.78 6.73
CA THR A 74 -13.30 3.08 6.75
C THR A 74 -13.15 2.38 8.10
N VAL A 75 -12.49 1.23 8.11
CA VAL A 75 -12.11 0.50 9.35
C VAL A 75 -10.71 -0.10 9.16
N SER A 76 -9.97 -0.19 10.26
CA SER A 76 -8.55 -0.59 10.37
C SER A 76 -8.35 -1.47 11.60
N TYR A 77 -7.37 -2.36 11.54
CA TYR A 77 -7.03 -3.26 12.66
C TYR A 77 -5.58 -3.75 12.50
N ASP A 78 -4.79 -3.61 13.55
CA ASP A 78 -3.40 -4.13 13.59
C ASP A 78 -3.48 -5.65 13.68
N VAL A 79 -2.89 -6.33 12.72
CA VAL A 79 -2.86 -7.81 12.69
C VAL A 79 -1.66 -8.22 11.85
N ASP A 80 -0.78 -9.00 12.45
CA ASP A 80 0.25 -9.78 11.71
C ASP A 80 -0.46 -10.97 11.06
N LEU A 81 -0.65 -10.96 9.75
CA LEU A 81 -1.40 -12.05 9.05
C LEU A 81 -0.52 -13.27 8.85
N ASP A 82 0.80 -13.17 9.13
CA ASP A 82 1.77 -14.30 9.14
C ASP A 82 1.48 -15.20 10.35
N ASN A 83 0.83 -14.65 11.37
CA ASN A 83 0.45 -15.36 12.62
C ASN A 83 -0.99 -15.88 12.54
N VAL A 84 -1.75 -15.57 11.51
CA VAL A 84 -3.21 -15.92 11.43
C VAL A 84 -3.40 -16.93 10.31
N LEU A 85 -3.05 -16.54 9.08
CA LEU A 85 -3.28 -17.29 7.81
C LEU A 85 -2.11 -18.23 7.53
N PRO A 86 -2.35 -19.31 6.77
CA PRO A 86 -1.26 -20.05 6.15
C PRO A 86 -0.56 -19.23 5.05
N GLU A 87 0.56 -19.74 4.56
CA GLU A 87 1.45 -19.00 3.62
C GLU A 87 0.75 -18.92 2.25
N TRP A 88 0.06 -20.00 1.86
CA TRP A 88 -0.73 -20.10 0.61
C TRP A 88 -2.21 -20.07 0.99
N VAL A 89 -2.99 -19.27 0.27
CA VAL A 89 -4.42 -18.99 0.55
C VAL A 89 -5.16 -18.88 -0.77
N ARG A 90 -6.49 -18.85 -0.71
CA ARG A 90 -7.31 -18.38 -1.85
C ARG A 90 -8.06 -17.12 -1.41
N VAL A 91 -8.33 -16.24 -2.36
CA VAL A 91 -9.11 -15.00 -2.14
C VAL A 91 -10.47 -15.18 -2.80
N GLY A 92 -11.49 -14.57 -2.21
CA GLY A 92 -12.88 -14.73 -2.65
C GLY A 92 -13.79 -13.65 -2.11
N LEU A 93 -14.99 -13.62 -2.66
CA LEU A 93 -16.16 -12.83 -2.24
C LEU A 93 -17.22 -13.83 -1.73
N SER A 94 -17.92 -13.47 -0.66
CA SER A 94 -18.97 -14.29 0.00
C SER A 94 -20.18 -13.39 0.27
N ALA A 95 -21.39 -13.94 0.19
CA ALA A 95 -22.61 -13.21 0.61
C ALA A 95 -23.68 -14.19 1.09
N SER A 96 -24.63 -13.71 1.88
CA SER A 96 -25.75 -14.52 2.40
C SER A 96 -27.03 -13.70 2.52
N THR A 97 -28.15 -14.41 2.53
CA THR A 97 -29.50 -13.94 2.95
C THR A 97 -29.99 -14.85 4.09
N GLY A 98 -30.94 -14.37 4.88
CA GLY A 98 -31.58 -15.17 5.93
C GLY A 98 -33.09 -15.16 5.81
N LEU A 99 -33.76 -14.87 6.92
CA LEU A 99 -35.19 -14.48 6.88
C LEU A 99 -35.33 -13.27 5.93
N TYR A 100 -34.47 -12.27 6.05
CA TYR A 100 -34.47 -11.09 5.12
C TYR A 100 -33.34 -11.23 4.06
N LYS A 101 -33.44 -10.42 3.01
CA LYS A 101 -32.80 -10.70 1.71
C LYS A 101 -32.36 -9.40 1.04
N GLU A 102 -31.53 -9.55 0.02
CA GLU A 102 -31.00 -8.46 -0.83
C GLU A 102 -30.34 -9.14 -2.02
N THR A 103 -30.29 -8.50 -3.19
CA THR A 103 -29.34 -8.88 -4.25
C THR A 103 -27.92 -8.68 -3.68
N ASN A 104 -27.02 -9.60 -4.00
CA ASN A 104 -25.58 -9.50 -3.60
C ASN A 104 -24.77 -9.51 -4.92
N THR A 105 -24.90 -8.43 -5.69
CA THR A 105 -24.41 -8.34 -7.09
C THR A 105 -23.03 -7.69 -7.07
N ILE A 106 -22.04 -8.39 -7.63
CA ILE A 106 -20.66 -7.87 -7.89
C ILE A 106 -20.56 -7.50 -9.39
N LEU A 107 -20.15 -6.26 -9.68
CA LEU A 107 -20.05 -5.73 -11.07
C LEU A 107 -18.59 -5.82 -11.53
N SER A 108 -17.65 -5.83 -10.60
CA SER A 108 -16.21 -5.88 -10.90
C SER A 108 -15.43 -6.36 -9.68
N TRP A 109 -14.27 -6.98 -9.92
CA TRP A 109 -13.40 -7.42 -8.81
C TRP A 109 -11.97 -7.40 -9.30
N SER A 110 -11.06 -6.86 -8.51
CA SER A 110 -9.63 -6.85 -8.87
C SER A 110 -8.80 -7.10 -7.62
N PHE A 111 -7.64 -7.73 -7.79
CA PHE A 111 -6.79 -8.15 -6.66
C PHE A 111 -5.33 -8.08 -7.11
N THR A 112 -4.47 -7.76 -6.18
CA THR A 112 -3.01 -7.69 -6.36
C THR A 112 -2.35 -8.11 -5.07
N SER A 113 -1.43 -9.07 -5.15
CA SER A 113 -0.53 -9.51 -4.06
C SER A 113 0.92 -9.34 -4.51
N LYS A 114 1.83 -9.02 -3.61
CA LYS A 114 3.26 -8.86 -3.94
C LYS A 114 4.12 -9.38 -2.81
N LEU A 115 5.17 -10.13 -3.15
CA LEU A 115 6.30 -10.51 -2.27
C LEU A 115 7.60 -9.90 -2.81
N LYS A 116 8.38 -9.22 -1.98
CA LYS A 116 9.67 -8.58 -2.37
C LYS A 116 10.72 -9.07 -1.39
N SER A 117 11.67 -9.90 -1.88
CA SER A 117 12.50 -10.84 -1.08
C SER A 117 13.69 -10.12 -0.45
N ASN A 118 14.30 -10.74 0.56
CA ASN A 118 15.62 -10.40 1.17
C ASN A 118 16.69 -11.29 0.52
N SER A 119 16.43 -12.60 0.47
CA SER A 119 17.30 -13.65 -0.09
C SER A 119 17.88 -13.23 -1.44
N THR A 120 17.04 -12.64 -2.31
CA THR A 120 17.36 -12.28 -3.72
C THR A 120 17.24 -10.76 -3.96
N HIS A 121 16.27 -10.10 -3.32
CA HIS A 121 15.82 -8.70 -3.63
C HIS A 121 15.19 -8.68 -5.02
N GLU A 122 14.19 -9.55 -5.22
CA GLU A 122 13.36 -9.71 -6.46
C GLU A 122 11.94 -10.11 -6.06
N THR A 123 10.95 -9.81 -6.91
CA THR A 123 9.52 -9.75 -6.52
C THR A 123 8.73 -10.89 -7.19
N ASN A 124 7.78 -11.50 -6.45
CA ASN A 124 6.73 -12.41 -7.00
C ASN A 124 5.37 -11.72 -6.86
N ALA A 125 4.53 -11.74 -7.89
CA ALA A 125 3.30 -10.94 -7.99
C ALA A 125 2.17 -11.66 -8.73
N LEU A 126 0.96 -11.61 -8.17
CA LEU A 126 -0.30 -12.00 -8.86
C LEU A 126 -1.22 -10.77 -8.90
N HIS A 127 -1.82 -10.50 -10.05
CA HIS A 127 -2.84 -9.43 -10.22
C HIS A 127 -3.91 -9.98 -11.15
N PHE A 128 -5.17 -9.98 -10.75
CA PHE A 128 -6.29 -10.26 -11.68
C PHE A 128 -7.27 -9.09 -11.64
N MET A 129 -8.03 -8.93 -12.71
CA MET A 129 -9.09 -7.90 -12.79
C MET A 129 -10.27 -8.44 -13.62
N PHE A 130 -11.47 -8.49 -13.05
CA PHE A 130 -12.72 -8.73 -13.80
C PHE A 130 -13.56 -7.45 -13.76
N ASN A 131 -13.88 -6.90 -14.92
CA ASN A 131 -14.87 -5.80 -15.09
C ASN A 131 -16.15 -6.40 -15.68
N GLN A 132 -16.02 -7.48 -16.42
CA GLN A 132 -17.15 -8.32 -16.89
C GLN A 132 -17.00 -9.69 -16.21
N PHE A 133 -18.08 -10.44 -16.04
CA PHE A 133 -18.07 -11.89 -15.74
C PHE A 133 -18.87 -12.59 -16.84
N SER A 134 -18.41 -13.77 -17.27
CA SER A 134 -19.02 -14.51 -18.40
C SER A 134 -19.83 -15.70 -17.89
N LYS A 135 -20.75 -16.21 -18.70
CA LYS A 135 -21.66 -17.31 -18.30
C LYS A 135 -20.82 -18.46 -17.75
N ASP A 136 -19.60 -18.65 -18.26
CA ASP A 136 -18.70 -19.76 -17.86
C ASP A 136 -17.29 -19.21 -17.59
N GLN A 137 -16.99 -18.92 -16.33
CA GLN A 137 -15.82 -18.12 -15.87
C GLN A 137 -14.82 -19.07 -15.21
N LYS A 138 -13.95 -19.69 -16.00
CA LYS A 138 -13.12 -20.84 -15.56
C LYS A 138 -11.99 -20.44 -14.59
N ASP A 139 -11.70 -19.15 -14.39
CA ASP A 139 -10.69 -18.69 -13.37
C ASP A 139 -11.39 -18.43 -12.03
N LEU A 140 -12.68 -18.72 -11.93
CA LEU A 140 -13.50 -18.58 -10.69
C LEU A 140 -13.98 -19.96 -10.23
N ILE A 141 -13.85 -20.20 -8.93
CA ILE A 141 -14.50 -21.34 -8.23
C ILE A 141 -15.75 -20.76 -7.58
N LEU A 142 -16.93 -21.07 -8.16
CA LEU A 142 -18.26 -20.67 -7.63
C LEU A 142 -18.73 -21.78 -6.66
N GLN A 143 -19.09 -21.41 -5.42
CA GLN A 143 -19.64 -22.33 -4.39
C GLN A 143 -21.08 -21.90 -4.03
N GLY A 144 -21.91 -22.86 -3.59
CA GLY A 144 -23.29 -22.60 -3.16
C GLY A 144 -24.10 -21.97 -4.26
N ASP A 145 -24.76 -20.83 -4.00
CA ASP A 145 -25.79 -20.27 -4.91
C ASP A 145 -25.17 -19.36 -5.97
N ALA A 146 -23.84 -19.15 -5.96
CA ALA A 146 -23.18 -18.10 -6.78
C ALA A 146 -23.29 -18.48 -8.26
N THR A 147 -23.60 -17.51 -9.14
CA THR A 147 -23.72 -17.68 -10.61
C THR A 147 -23.07 -16.49 -11.32
N THR A 148 -22.69 -16.68 -12.59
CA THR A 148 -22.11 -15.59 -13.39
C THR A 148 -22.78 -15.54 -14.76
N GLY A 149 -22.59 -14.42 -15.46
CA GLY A 149 -23.08 -14.21 -16.83
C GLY A 149 -24.39 -13.48 -16.92
N THR A 150 -25.13 -13.32 -15.83
CA THR A 150 -26.41 -12.60 -16.00
C THR A 150 -26.09 -11.11 -16.01
N ASP A 151 -26.12 -10.51 -17.19
CA ASP A 151 -25.75 -9.09 -17.46
C ASP A 151 -24.26 -8.87 -17.15
N GLY A 152 -23.42 -9.88 -17.32
CA GLY A 152 -21.97 -9.77 -17.08
C GLY A 152 -21.59 -9.53 -15.63
N ASN A 153 -22.49 -9.84 -14.70
CA ASN A 153 -22.26 -9.64 -13.25
C ASN A 153 -22.03 -10.99 -12.59
N LEU A 154 -21.53 -10.99 -11.37
CA LEU A 154 -21.46 -12.17 -10.50
C LEU A 154 -22.55 -12.00 -9.45
N GLU A 155 -23.61 -12.81 -9.50
CA GLU A 155 -24.68 -12.87 -8.48
C GLU A 155 -24.23 -13.84 -7.39
N LEU A 156 -23.95 -13.34 -6.20
CA LEU A 156 -23.41 -14.19 -5.11
C LEU A 156 -24.56 -15.02 -4.54
N THR A 157 -25.75 -14.43 -4.37
CA THR A 157 -26.91 -15.12 -3.75
C THR A 157 -28.01 -15.26 -4.79
N ARG A 158 -28.95 -16.18 -4.53
CA ARG A 158 -29.98 -16.63 -5.50
C ARG A 158 -30.93 -15.47 -5.78
N VAL A 159 -31.23 -15.23 -7.06
CA VAL A 159 -32.15 -14.18 -7.57
C VAL A 159 -33.08 -14.84 -8.59
N SER A 160 -34.38 -14.60 -8.50
CA SER A 160 -35.40 -15.14 -9.44
C SER A 160 -35.17 -14.50 -10.83
N SER A 161 -35.95 -14.92 -11.84
CA SER A 161 -35.84 -14.46 -13.25
C SER A 161 -36.25 -12.99 -13.39
N ASN A 162 -37.33 -12.57 -12.73
CA ASN A 162 -37.80 -11.16 -12.73
C ASN A 162 -36.80 -10.28 -11.97
N GLY A 163 -35.91 -10.90 -11.18
CA GLY A 163 -34.81 -10.21 -10.46
C GLY A 163 -35.09 -9.96 -8.98
N SER A 164 -35.79 -10.89 -8.31
CA SER A 164 -36.12 -10.83 -6.85
C SER A 164 -35.20 -11.73 -6.02
N PRO A 165 -34.43 -11.15 -5.06
CA PRO A 165 -33.51 -11.95 -4.26
C PRO A 165 -34.28 -12.90 -3.35
N GLN A 166 -33.72 -14.09 -3.10
CA GLN A 166 -34.31 -15.16 -2.25
C GLN A 166 -33.56 -15.23 -0.93
N GLY A 167 -34.27 -15.63 0.12
CA GLY A 167 -33.75 -15.75 1.49
C GLY A 167 -33.09 -17.09 1.69
N SER A 168 -32.57 -17.33 2.88
CA SER A 168 -31.86 -18.57 3.27
C SER A 168 -30.84 -19.00 2.19
N SER A 169 -30.21 -18.02 1.50
CA SER A 169 -29.26 -18.17 0.37
C SER A 169 -27.80 -17.90 0.80
N VAL A 170 -26.85 -18.62 0.21
CA VAL A 170 -25.41 -18.42 0.51
C VAL A 170 -24.62 -18.73 -0.77
N GLY A 171 -23.48 -18.06 -0.96
CA GLY A 171 -22.70 -18.20 -2.20
C GLY A 171 -21.36 -17.52 -2.12
N ARG A 172 -20.39 -18.04 -2.87
CA ARG A 172 -18.99 -17.54 -2.82
C ARG A 172 -18.37 -17.71 -4.21
N ALA A 173 -17.45 -16.81 -4.55
CA ALA A 173 -16.60 -16.90 -5.75
C ALA A 173 -15.15 -16.79 -5.28
N LEU A 174 -14.31 -17.79 -5.59
CA LEU A 174 -12.85 -17.76 -5.24
C LEU A 174 -12.02 -17.70 -6.52
N PHE A 175 -10.89 -16.99 -6.49
CA PHE A 175 -9.93 -17.00 -7.62
C PHE A 175 -9.34 -18.41 -7.68
N TYR A 176 -9.26 -18.97 -8.88
CA TYR A 176 -8.85 -20.38 -9.11
C TYR A 176 -7.46 -20.58 -8.50
N ALA A 177 -6.58 -19.60 -8.68
CA ALA A 177 -5.14 -19.72 -8.34
C ALA A 177 -4.94 -19.47 -6.86
N PRO A 178 -4.28 -20.40 -6.14
CA PRO A 178 -3.73 -20.09 -4.83
C PRO A 178 -2.77 -18.89 -4.89
N VAL A 179 -2.72 -18.13 -3.80
CA VAL A 179 -1.98 -16.85 -3.70
C VAL A 179 -0.97 -17.03 -2.57
N HIS A 180 0.29 -16.72 -2.84
CA HIS A 180 1.39 -16.71 -1.83
C HIS A 180 1.33 -15.37 -1.10
N ILE A 181 0.68 -15.33 0.06
CA ILE A 181 0.22 -14.08 0.75
C ILE A 181 1.32 -13.56 1.68
N TRP A 182 2.16 -14.44 2.21
CA TRP A 182 3.28 -14.07 3.10
C TRP A 182 4.43 -15.08 2.95
N GLU A 183 5.63 -14.67 3.35
CA GLU A 183 6.90 -15.39 3.08
C GLU A 183 7.94 -14.79 4.02
N SER A 184 8.54 -15.63 4.87
CA SER A 184 9.63 -15.26 5.82
C SER A 184 10.66 -14.39 5.10
N SER A 185 11.11 -14.79 3.91
CA SER A 185 12.25 -14.19 3.17
C SER A 185 11.90 -12.80 2.61
N ALA A 186 10.63 -12.38 2.68
CA ALA A 186 10.13 -11.11 2.12
C ALA A 186 10.49 -9.93 3.04
N VAL A 187 10.95 -8.80 2.48
CA VAL A 187 11.16 -7.51 3.20
C VAL A 187 9.82 -6.75 3.26
N VAL A 188 8.93 -6.94 2.28
CA VAL A 188 7.56 -6.37 2.31
C VAL A 188 6.61 -7.26 1.51
N ALA A 189 5.55 -7.70 2.16
CA ALA A 189 4.40 -8.41 1.55
C ALA A 189 3.24 -7.42 1.56
N SER A 190 2.58 -7.22 0.42
CA SER A 190 1.42 -6.30 0.32
C SER A 190 0.31 -7.01 -0.46
N PHE A 191 -0.94 -6.71 -0.14
CA PHE A 191 -2.08 -7.11 -1.00
C PHE A 191 -3.08 -5.97 -1.06
N GLU A 192 -3.72 -5.82 -2.20
CA GLU A 192 -4.79 -4.85 -2.52
C GLU A 192 -5.98 -5.66 -3.06
N ALA A 193 -7.21 -5.34 -2.67
CA ALA A 193 -8.43 -5.88 -3.34
C ALA A 193 -9.45 -4.77 -3.51
N THR A 194 -10.14 -4.73 -4.64
CA THR A 194 -11.18 -3.74 -4.95
C THR A 194 -12.38 -4.48 -5.55
N PHE A 195 -13.58 -4.15 -5.16
CA PHE A 195 -14.77 -4.70 -5.87
C PHE A 195 -15.87 -3.64 -5.80
N THR A 196 -16.78 -3.72 -6.74
CA THR A 196 -18.00 -2.89 -6.82
C THR A 196 -19.18 -3.85 -6.74
N PHE A 197 -20.28 -3.35 -6.17
CA PHE A 197 -21.42 -4.15 -5.69
C PHE A 197 -22.69 -3.31 -5.76
N LEU A 198 -23.80 -4.01 -6.06
CA LEU A 198 -25.20 -3.51 -6.05
C LEU A 198 -26.02 -4.36 -5.07
N ILE A 199 -26.31 -3.83 -3.89
CA ILE A 199 -27.21 -4.47 -2.89
C ILE A 199 -28.55 -3.75 -2.96
N LYS A 200 -29.55 -4.45 -3.47
CA LYS A 200 -30.93 -3.98 -3.69
C LYS A 200 -31.87 -4.91 -2.90
N SER A 201 -32.75 -4.34 -2.09
CA SER A 201 -33.77 -5.08 -1.32
C SER A 201 -35.14 -4.50 -1.67
N PRO A 202 -36.21 -5.33 -1.72
CA PRO A 202 -37.58 -4.82 -1.72
C PRO A 202 -38.02 -4.42 -0.31
N ASP A 203 -37.65 -5.24 0.70
CA ASP A 203 -37.78 -4.96 2.15
C ASP A 203 -37.22 -3.55 2.47
N SER A 204 -37.65 -2.95 3.58
CA SER A 204 -36.96 -1.80 4.23
C SER A 204 -35.89 -2.36 5.17
N HIS A 205 -35.80 -3.70 5.26
CA HIS A 205 -34.79 -4.47 6.04
C HIS A 205 -34.03 -5.42 5.11
N PRO A 206 -32.90 -4.98 4.49
CA PRO A 206 -31.98 -5.90 3.81
C PRO A 206 -31.13 -6.80 4.73
N ALA A 207 -30.76 -7.99 4.23
CA ALA A 207 -29.75 -8.87 4.87
C ALA A 207 -29.13 -9.79 3.81
N ASP A 208 -27.94 -10.33 4.08
CA ASP A 208 -27.22 -10.20 5.34
C ASP A 208 -25.89 -9.45 5.14
N GLY A 209 -25.36 -9.48 3.92
CA GLY A 209 -24.20 -8.67 3.50
C GLY A 209 -23.27 -9.38 2.51
N ILE A 210 -22.12 -8.76 2.28
CA ILE A 210 -21.03 -9.22 1.38
C ILE A 210 -19.76 -9.17 2.21
N ALA A 211 -18.83 -10.07 1.92
CA ALA A 211 -17.48 -10.11 2.51
C ALA A 211 -16.46 -10.45 1.44
N PHE A 212 -15.35 -9.71 1.43
CA PHE A 212 -14.09 -10.15 0.80
C PHE A 212 -13.35 -10.96 1.85
N PHE A 213 -12.80 -12.11 1.46
CA PHE A 213 -12.19 -13.05 2.44
C PHE A 213 -10.94 -13.73 1.86
N ILE A 214 -10.13 -14.18 2.79
CA ILE A 214 -8.89 -14.94 2.52
C ILE A 214 -9.03 -16.22 3.34
N SER A 215 -8.74 -17.35 2.72
CA SER A 215 -8.88 -18.66 3.37
C SER A 215 -7.72 -19.59 2.98
N ASN A 216 -7.57 -20.65 3.76
CA ASN A 216 -6.95 -21.93 3.35
C ASN A 216 -7.54 -22.25 1.96
N ILE A 217 -6.71 -22.83 1.08
CA ILE A 217 -6.97 -22.95 -0.39
C ILE A 217 -8.18 -23.88 -0.63
N ASP A 218 -8.46 -24.78 0.29
CA ASP A 218 -9.53 -25.81 0.13
C ASP A 218 -10.82 -25.34 0.84
N SER A 219 -10.88 -24.06 1.22
CA SER A 219 -12.06 -23.49 1.93
C SER A 219 -13.33 -23.83 1.16
N SER A 220 -14.38 -24.18 1.92
CA SER A 220 -15.74 -24.42 1.38
C SER A 220 -16.74 -23.74 2.33
N ILE A 221 -17.97 -23.56 1.84
CA ILE A 221 -19.06 -22.92 2.61
C ILE A 221 -19.31 -23.79 3.84
N PRO A 222 -19.11 -23.29 5.07
CA PRO A 222 -19.50 -24.04 6.26
C PRO A 222 -21.00 -24.37 6.21
N SER A 223 -21.38 -25.50 6.79
CA SER A 223 -22.80 -25.97 6.92
C SER A 223 -23.60 -24.96 7.78
N GLY A 224 -24.79 -24.56 7.31
CA GLY A 224 -25.70 -23.59 7.96
C GLY A 224 -25.08 -22.20 8.12
N SER A 225 -24.37 -21.70 7.11
CA SER A 225 -23.65 -20.39 7.19
C SER A 225 -24.41 -19.36 6.37
N THR A 226 -25.70 -19.59 6.11
CA THR A 226 -26.63 -18.57 5.57
C THR A 226 -26.88 -17.55 6.69
N GLY A 227 -27.66 -16.49 6.40
CA GLY A 227 -27.98 -15.46 7.41
C GLY A 227 -26.73 -14.74 7.91
N ARG A 228 -26.62 -14.58 9.22
CA ARG A 228 -25.67 -13.68 9.89
C ARG A 228 -24.22 -14.20 9.78
N LEU A 229 -24.03 -15.44 9.32
CA LEU A 229 -22.68 -16.08 9.27
C LEU A 229 -22.03 -15.86 7.90
N LEU A 230 -22.73 -15.28 6.92
CA LEU A 230 -22.15 -14.67 5.69
C LEU A 230 -21.38 -15.71 4.83
N GLY A 231 -21.67 -17.00 4.97
CA GLY A 231 -20.97 -18.06 4.23
C GLY A 231 -19.52 -18.21 4.69
N LEU A 232 -19.13 -17.65 5.84
CA LEU A 232 -17.71 -17.56 6.28
C LEU A 232 -17.41 -18.50 7.44
N PHE A 233 -18.34 -18.63 8.40
CA PHE A 233 -18.13 -19.28 9.72
C PHE A 233 -19.19 -20.35 9.98
N PRO A 234 -18.81 -21.44 10.71
CA PRO A 234 -19.78 -22.46 11.10
C PRO A 234 -20.68 -22.00 12.26
N ASP A 235 -20.20 -21.04 13.04
CA ASP A 235 -20.90 -20.58 14.27
C ASP A 235 -20.54 -19.11 14.52
N ALA A 236 -21.22 -18.51 15.49
CA ALA A 236 -21.12 -17.08 15.88
C ALA A 236 -20.05 -16.86 16.95
N ASN A 237 -19.23 -17.86 17.26
CA ASN A 237 -18.20 -17.78 18.32
C ASN A 237 -17.27 -16.59 18.05
N ALA B 1 10.51 29.26 1.83
CA ALA B 1 11.53 28.22 1.49
C ALA B 1 10.84 26.98 0.90
N ASP B 2 11.61 25.96 0.55
CA ASP B 2 11.08 24.68 0.05
C ASP B 2 10.29 24.00 1.17
N THR B 3 9.25 23.23 0.82
CA THR B 3 8.55 22.28 1.73
C THR B 3 9.01 20.85 1.41
N ILE B 4 9.52 20.14 2.42
CA ILE B 4 10.24 18.85 2.24
C ILE B 4 9.61 17.80 3.15
N VAL B 5 9.31 16.64 2.58
CA VAL B 5 9.09 15.37 3.32
C VAL B 5 10.17 14.43 2.82
N ALA B 6 10.85 13.71 3.70
CA ALA B 6 11.98 12.86 3.26
C ALA B 6 12.15 11.60 4.12
N VAL B 7 12.68 10.57 3.49
CA VAL B 7 13.29 9.40 4.18
C VAL B 7 14.80 9.50 3.97
N GLU B 8 15.55 9.57 5.06
CA GLU B 8 17.03 9.75 5.00
C GLU B 8 17.67 8.40 5.35
N LEU B 9 18.57 7.97 4.49
CA LEU B 9 19.62 6.95 4.76
C LEU B 9 20.85 7.77 5.17
N ASP B 10 21.04 7.95 6.48
CA ASP B 10 22.01 8.88 7.08
C ASP B 10 23.20 8.10 7.64
N THR B 11 24.34 8.15 6.94
CA THR B 11 25.58 7.38 7.25
C THR B 11 26.50 8.08 8.27
N TYR B 12 26.19 9.30 8.73
CA TYR B 12 27.12 10.10 9.59
C TYR B 12 26.38 10.74 10.77
N PRO B 13 26.61 10.25 12.02
CA PRO B 13 26.01 10.88 13.20
C PRO B 13 26.51 12.33 13.32
N ASN B 14 25.61 13.28 13.10
CA ASN B 14 25.75 14.71 13.48
C ASN B 14 24.98 14.92 14.79
N THR B 15 25.57 14.51 15.93
CA THR B 15 24.91 14.43 17.26
C THR B 15 24.52 15.84 17.78
N ASP B 16 25.12 16.93 17.26
CA ASP B 16 24.75 18.32 17.67
C ASP B 16 23.52 18.83 16.89
N ILE B 17 22.87 18.01 16.06
CA ILE B 17 21.58 18.36 15.38
C ILE B 17 20.60 17.17 15.50
N GLY B 18 20.67 16.43 16.62
CA GLY B 18 19.67 15.43 17.02
C GLY B 18 19.89 14.06 16.41
N ASP B 19 20.93 13.86 15.59
CA ASP B 19 21.25 12.54 15.00
C ASP B 19 21.53 11.55 16.14
N PRO B 20 21.09 10.27 16.04
CA PRO B 20 21.60 9.22 16.91
C PRO B 20 23.10 8.99 16.68
N SER B 21 23.73 8.21 17.56
CA SER B 21 25.20 7.91 17.64
C SER B 21 25.62 6.99 16.51
N TYR B 22 24.70 6.51 15.70
CA TYR B 22 24.95 5.42 14.73
C TYR B 22 24.30 5.79 13.39
N PRO B 23 24.77 5.21 12.26
CA PRO B 23 24.08 5.35 10.99
C PRO B 23 22.66 4.84 11.21
N HIS B 24 21.68 5.58 10.67
CA HIS B 24 20.23 5.44 10.95
C HIS B 24 19.42 5.76 9.69
N ILE B 25 18.22 5.20 9.61
CA ILE B 25 17.17 5.69 8.67
C ILE B 25 16.21 6.57 9.48
N GLY B 26 15.66 7.58 8.81
CA GLY B 26 14.85 8.64 9.44
C GLY B 26 13.73 9.15 8.55
N ILE B 27 12.62 9.49 9.17
CA ILE B 27 11.51 10.20 8.47
C ILE B 27 11.59 11.68 8.82
N ASP B 28 11.89 12.53 7.84
CA ASP B 28 12.03 14.00 8.01
C ASP B 28 10.76 14.68 7.47
N ILE B 29 10.06 15.46 8.30
CA ILE B 29 8.88 16.29 7.95
C ILE B 29 9.23 17.77 8.20
N LYS B 30 9.65 18.48 7.15
CA LYS B 30 10.01 19.91 7.13
C LYS B 30 11.20 20.24 8.05
N SER B 31 12.05 19.27 8.37
CA SER B 31 13.22 19.44 9.27
C SER B 31 14.22 18.27 9.10
N VAL B 32 15.52 18.56 9.10
CA VAL B 32 16.60 17.54 9.12
C VAL B 32 16.55 16.76 10.44
N ARG B 33 15.89 17.31 11.48
CA ARG B 33 15.76 16.62 12.79
C ARG B 33 14.62 15.61 12.68
N SER B 34 14.95 14.40 12.25
CA SER B 34 14.02 13.27 12.01
C SER B 34 12.99 13.17 13.14
N LYS B 35 11.70 13.19 12.81
CA LYS B 35 10.60 12.84 13.75
C LYS B 35 10.76 11.41 14.26
N LYS B 36 11.47 10.55 13.52
CA LYS B 36 11.59 9.11 13.87
C LYS B 36 12.83 8.53 13.18
N THR B 37 13.58 7.69 13.89
CA THR B 37 14.80 7.03 13.34
C THR B 37 14.79 5.57 13.75
N ALA B 38 15.61 4.77 13.08
CA ALA B 38 15.96 3.39 13.47
C ALA B 38 17.43 3.17 13.16
N LYS B 39 18.10 2.36 13.97
CA LYS B 39 19.48 1.92 13.73
C LYS B 39 19.51 1.29 12.34
N TRP B 40 20.60 1.51 11.61
CA TRP B 40 20.82 1.01 10.24
C TRP B 40 22.28 0.58 10.10
N ASN B 41 22.50 -0.70 9.83
CA ASN B 41 23.85 -1.29 9.64
C ASN B 41 24.14 -1.22 8.15
N MET B 42 24.41 0.00 7.68
CA MET B 42 24.88 0.31 6.31
C MET B 42 26.10 -0.55 6.04
N GLN B 43 26.16 -1.18 4.86
CA GLN B 43 27.21 -2.15 4.47
C GLN B 43 28.03 -1.52 3.35
N ASN B 44 29.23 -1.07 3.72
CA ASN B 44 30.18 -0.36 2.84
C ASN B 44 30.36 -1.17 1.55
N GLY B 45 30.04 -0.57 0.41
CA GLY B 45 30.34 -1.13 -0.93
C GLY B 45 29.30 -2.10 -1.45
N LYS B 46 28.27 -2.48 -0.68
CA LYS B 46 27.18 -3.41 -1.11
C LYS B 46 26.05 -2.63 -1.79
N VAL B 47 25.27 -3.31 -2.64
CA VAL B 47 24.00 -2.76 -3.19
C VAL B 47 22.87 -2.97 -2.18
N GLY B 48 22.32 -1.88 -1.65
CA GLY B 48 21.16 -1.87 -0.75
C GLY B 48 19.91 -1.49 -1.52
N THR B 49 18.74 -1.74 -0.93
CA THR B 49 17.38 -1.43 -1.48
C THR B 49 16.61 -0.63 -0.44
N ALA B 50 15.92 0.42 -0.86
CA ALA B 50 15.02 1.23 -0.03
C ALA B 50 13.60 1.12 -0.60
N HIS B 51 12.61 0.77 0.23
CA HIS B 51 11.15 0.76 -0.09
C HIS B 51 10.45 1.81 0.78
N ILE B 52 9.78 2.77 0.17
CA ILE B 52 8.94 3.75 0.89
C ILE B 52 7.50 3.49 0.48
N ILE B 53 6.55 3.51 1.42
CA ILE B 53 5.07 3.30 1.16
C ILE B 53 4.26 4.27 2.03
N TYR B 54 3.28 4.96 1.44
CA TYR B 54 2.30 5.82 2.14
C TYR B 54 0.90 5.48 1.60
N ASN B 55 -0.12 5.53 2.46
CA ASN B 55 -1.53 5.53 1.99
C ASN B 55 -2.34 6.49 2.88
N SER B 56 -3.34 7.15 2.28
CA SER B 56 -4.21 8.15 2.97
C SER B 56 -5.23 7.46 3.88
N VAL B 57 -5.26 6.12 3.95
CA VAL B 57 -6.14 5.39 4.91
C VAL B 57 -5.42 5.33 6.26
N ASP B 58 -4.27 4.67 6.33
CA ASP B 58 -3.46 4.56 7.58
C ASP B 58 -2.72 5.86 7.90
N LYS B 59 -2.53 6.74 6.91
CA LYS B 59 -1.78 8.02 7.04
C LYS B 59 -0.43 7.76 7.73
N ARG B 60 0.35 6.82 7.20
CA ARG B 60 1.56 6.29 7.86
C ARG B 60 2.70 6.15 6.85
N LEU B 61 3.69 7.04 6.91
CA LEU B 61 4.90 6.97 6.05
C LEU B 61 5.83 5.89 6.62
N SER B 62 6.16 4.88 5.83
CA SER B 62 7.02 3.77 6.28
C SER B 62 8.15 3.63 5.28
N ALA B 63 9.33 3.26 5.78
CA ALA B 63 10.52 2.97 4.95
C ALA B 63 11.08 1.64 5.43
N VAL B 64 11.61 0.85 4.51
CA VAL B 64 12.32 -0.41 4.80
C VAL B 64 13.61 -0.38 3.99
N VAL B 65 14.75 -0.51 4.67
CA VAL B 65 16.07 -0.61 4.02
C VAL B 65 16.68 -1.97 4.36
N SER B 66 17.28 -2.60 3.38
CA SER B 66 17.74 -4.01 3.45
C SER B 66 18.90 -4.21 2.49
N TYR B 67 19.76 -5.14 2.84
CA TYR B 67 20.78 -5.75 1.97
C TYR B 67 20.50 -7.25 1.88
N PRO B 68 20.92 -7.95 0.80
CA PRO B 68 20.89 -9.42 0.79
C PRO B 68 21.43 -10.01 2.11
N ASN B 69 20.68 -10.94 2.69
CA ASN B 69 21.11 -11.83 3.81
C ASN B 69 21.46 -10.99 5.05
N ALA B 70 20.80 -9.85 5.25
CA ALA B 70 20.87 -9.06 6.51
C ALA B 70 19.46 -8.80 7.01
N ASP B 71 19.31 -8.36 8.26
CA ASP B 71 18.00 -7.89 8.78
C ASP B 71 17.67 -6.55 8.12
N SER B 72 16.39 -6.23 8.02
CA SER B 72 15.89 -4.92 7.55
C SER B 72 15.98 -3.91 8.70
N ALA B 73 16.32 -2.66 8.38
CA ALA B 73 15.97 -1.48 9.20
C ALA B 73 14.64 -0.94 8.66
N THR B 74 13.66 -0.69 9.53
CA THR B 74 12.33 -0.17 9.13
C THR B 74 12.00 0.98 10.07
N VAL B 75 11.33 2.01 9.56
CA VAL B 75 10.90 3.19 10.35
C VAL B 75 9.55 3.68 9.79
N SER B 76 8.71 4.21 10.66
CA SER B 76 7.30 4.61 10.38
C SER B 76 6.95 5.83 11.21
N TYR B 77 6.05 6.66 10.70
CA TYR B 77 5.55 7.87 11.38
C TYR B 77 4.12 8.11 10.91
N ASP B 78 3.17 8.23 11.83
CA ASP B 78 1.79 8.66 11.47
C ASP B 78 1.90 10.13 11.10
N VAL B 79 1.45 10.48 9.90
CA VAL B 79 1.46 11.88 9.42
C VAL B 79 0.40 11.94 8.31
N ASP B 80 -0.41 13.00 8.32
CA ASP B 80 -1.34 13.32 7.22
C ASP B 80 -0.61 14.28 6.25
N LEU B 81 -0.17 13.75 5.11
CA LEU B 81 0.63 14.50 4.11
C LEU B 81 -0.23 15.50 3.35
N ASP B 82 -1.54 15.57 3.63
CA ASP B 82 -2.45 16.65 3.15
C ASP B 82 -2.20 17.94 3.95
N ASN B 83 -1.70 17.81 5.18
CA ASN B 83 -1.50 18.96 6.10
C ASN B 83 -0.04 19.40 6.02
N VAL B 84 0.83 18.67 5.32
CA VAL B 84 2.27 19.01 5.17
C VAL B 84 2.57 19.45 3.75
N LEU B 85 2.18 18.68 2.74
CA LEU B 85 2.63 18.89 1.34
C LEU B 85 1.58 19.72 0.59
N PRO B 86 1.98 20.53 -0.40
CA PRO B 86 1.02 21.11 -1.32
C PRO B 86 0.43 19.99 -2.18
N GLU B 87 -0.70 20.25 -2.83
CA GLU B 87 -1.48 19.25 -3.59
C GLU B 87 -0.60 18.64 -4.71
N TRP B 88 0.23 19.44 -5.35
CA TRP B 88 1.14 19.05 -6.45
C TRP B 88 2.60 19.13 -5.97
N VAL B 89 3.42 18.15 -6.34
CA VAL B 89 4.80 18.03 -5.80
C VAL B 89 5.74 17.60 -6.93
N ARG B 90 7.05 17.60 -6.65
CA ARG B 90 7.99 16.71 -7.36
C ARG B 90 8.56 15.69 -6.38
N VAL B 91 8.95 14.53 -6.91
CA VAL B 91 9.65 13.46 -6.16
C VAL B 91 11.10 13.44 -6.62
N GLY B 92 12.03 13.14 -5.72
CA GLY B 92 13.44 13.03 -6.10
C GLY B 92 14.28 12.25 -5.13
N LEU B 93 15.57 12.21 -5.44
CA LEU B 93 16.65 11.64 -4.61
C LEU B 93 17.69 12.75 -4.42
N SER B 94 18.18 12.93 -3.21
CA SER B 94 19.24 13.90 -2.84
C SER B 94 20.39 13.12 -2.20
N ALA B 95 21.64 13.62 -2.31
CA ALA B 95 22.77 13.12 -1.49
C ALA B 95 23.81 14.21 -1.23
N SER B 96 24.74 13.95 -0.33
CA SER B 96 25.72 14.95 0.14
C SER B 96 26.99 14.28 0.67
N THR B 97 28.10 15.05 0.62
CA THR B 97 29.39 14.78 1.29
C THR B 97 29.81 16.05 2.01
N GLY B 98 30.61 15.92 3.08
CA GLY B 98 31.14 17.04 3.88
C GLY B 98 32.64 16.92 4.03
N LEU B 99 33.17 16.98 5.26
CA LEU B 99 34.58 16.61 5.57
C LEU B 99 34.81 15.18 5.08
N TYR B 100 33.83 14.31 5.30
CA TYR B 100 33.84 12.87 4.93
C TYR B 100 32.94 12.63 3.71
N LYS B 101 33.12 11.49 3.06
CA LYS B 101 32.76 11.28 1.64
C LYS B 101 32.28 9.83 1.43
N GLU B 102 31.60 9.60 0.31
CA GLU B 102 31.12 8.27 -0.13
C GLU B 102 30.56 8.43 -1.53
N THR B 103 30.67 7.39 -2.35
CA THR B 103 29.81 7.27 -3.55
C THR B 103 28.36 7.35 -3.07
N ASN B 104 27.52 8.13 -3.75
CA ASN B 104 26.04 8.09 -3.57
C ASN B 104 25.40 7.63 -4.89
N THR B 105 25.56 6.34 -5.21
CA THR B 105 25.31 5.78 -6.54
C THR B 105 23.90 5.18 -6.54
N ILE B 106 23.04 5.57 -7.49
CA ILE B 106 21.65 5.02 -7.62
C ILE B 106 21.60 4.12 -8.86
N LEU B 107 21.33 2.83 -8.66
CA LEU B 107 21.34 1.79 -9.73
C LEU B 107 19.95 1.68 -10.36
N SER B 108 18.90 1.99 -9.63
CA SER B 108 17.52 1.90 -10.16
C SER B 108 16.59 2.72 -9.27
N TRP B 109 15.46 3.14 -9.81
CA TRP B 109 14.48 3.93 -9.03
C TRP B 109 13.13 3.81 -9.72
N SER B 110 12.11 3.50 -8.94
CA SER B 110 10.71 3.36 -9.39
C SER B 110 9.81 4.11 -8.40
N PHE B 111 8.64 4.52 -8.86
CA PHE B 111 7.70 5.38 -8.11
C PHE B 111 6.30 5.14 -8.69
N THR B 112 5.32 5.13 -7.81
CA THR B 112 3.91 4.89 -8.18
C THR B 112 3.05 5.77 -7.28
N SER B 113 2.14 6.51 -7.88
CA SER B 113 1.14 7.36 -7.20
C SER B 113 -0.26 7.07 -7.77
N LYS B 114 -1.25 6.91 -6.91
CA LYS B 114 -2.65 6.72 -7.34
C LYS B 114 -3.56 7.64 -6.52
N LEU B 115 -4.50 8.30 -7.18
CA LEU B 115 -5.73 8.85 -6.56
C LEU B 115 -6.92 8.04 -7.08
N LYS B 116 -7.72 7.42 -6.20
CA LYS B 116 -8.99 6.72 -6.52
C LYS B 116 -10.10 7.51 -5.85
N SER B 117 -11.09 8.03 -6.60
CA SER B 117 -11.86 9.25 -6.20
C SER B 117 -13.31 8.95 -5.81
N ASN B 118 -13.91 9.89 -5.07
CA ASN B 118 -15.32 9.94 -4.59
C ASN B 118 -16.07 11.05 -5.34
N SER B 119 -17.39 10.89 -5.53
CA SER B 119 -18.29 11.75 -6.36
C SER B 119 -18.03 11.48 -7.85
N THR B 120 -16.75 11.39 -8.27
CA THR B 120 -16.29 10.96 -9.61
C THR B 120 -16.28 9.43 -9.70
N HIS B 121 -15.55 8.76 -8.79
CA HIS B 121 -15.33 7.29 -8.73
C HIS B 121 -14.62 6.79 -10.01
N GLU B 122 -13.35 7.19 -10.18
CA GLU B 122 -12.45 6.91 -11.34
C GLU B 122 -10.99 7.32 -11.00
N THR B 123 -10.03 6.42 -11.24
CA THR B 123 -8.65 6.51 -10.65
C THR B 123 -7.71 7.27 -11.60
N ASN B 124 -6.86 8.16 -11.04
CA ASN B 124 -5.68 8.77 -11.72
C ASN B 124 -4.39 8.16 -11.18
N ALA B 125 -3.42 7.95 -12.05
CA ALA B 125 -2.19 7.22 -11.69
C ALA B 125 -0.99 7.72 -12.50
N LEU B 126 0.18 7.68 -11.86
CA LEU B 126 1.51 7.89 -12.49
C LEU B 126 2.45 6.82 -11.95
N HIS B 127 3.24 6.22 -12.83
CA HIS B 127 4.29 5.23 -12.46
C HIS B 127 5.47 5.43 -13.41
N PHE B 128 6.67 5.54 -12.88
CA PHE B 128 7.90 5.50 -13.71
C PHE B 128 8.87 4.51 -13.08
N MET B 129 9.73 3.94 -13.92
CA MET B 129 10.74 2.96 -13.50
C MET B 129 12.03 3.25 -14.27
N PHE B 130 13.14 3.42 -13.55
CA PHE B 130 14.51 3.50 -14.09
C PHE B 130 15.32 2.30 -13.58
N ASN B 131 15.70 1.39 -14.47
CA ASN B 131 16.64 0.29 -14.16
C ASN B 131 17.99 0.61 -14.80
N GLN B 132 18.05 1.63 -15.65
CA GLN B 132 19.30 2.18 -16.18
C GLN B 132 19.05 3.67 -16.45
N PHE B 133 20.05 4.51 -16.18
CA PHE B 133 20.03 5.95 -16.50
C PHE B 133 20.97 6.22 -17.68
N SER B 134 20.49 6.94 -18.70
CA SER B 134 21.32 7.31 -19.88
C SER B 134 22.02 8.66 -19.63
N LYS B 135 23.04 8.94 -20.45
CA LYS B 135 23.92 10.15 -20.39
C LYS B 135 23.05 11.41 -20.37
N ASP B 136 21.97 11.43 -21.15
CA ASP B 136 21.02 12.57 -21.21
C ASP B 136 19.60 12.04 -20.94
N GLN B 137 19.14 12.16 -19.70
CA GLN B 137 17.90 11.57 -19.17
C GLN B 137 16.87 12.70 -19.02
N LYS B 138 16.11 12.98 -20.07
CA LYS B 138 15.32 14.23 -20.20
C LYS B 138 14.07 14.20 -19.29
N ASP B 139 13.79 13.08 -18.62
CA ASP B 139 12.65 13.02 -17.65
C ASP B 139 13.20 13.14 -16.23
N LEU B 140 14.48 13.48 -16.09
CA LEU B 140 15.08 13.87 -14.80
C LEU B 140 15.62 15.30 -14.86
N ILE B 141 15.30 16.11 -13.85
CA ILE B 141 15.95 17.42 -13.57
C ILE B 141 17.13 17.10 -12.64
N LEU B 142 18.36 17.28 -13.13
CA LEU B 142 19.61 17.15 -12.34
C LEU B 142 19.95 18.52 -11.72
N GLN B 143 20.12 18.55 -10.40
CA GLN B 143 20.59 19.74 -9.63
C GLN B 143 21.99 19.45 -9.07
N GLY B 144 22.82 20.49 -8.94
CA GLY B 144 24.16 20.43 -8.34
C GLY B 144 25.05 19.47 -9.10
N ASP B 145 25.73 18.56 -8.39
CA ASP B 145 26.78 17.68 -8.92
C ASP B 145 26.16 16.40 -9.52
N ALA B 146 24.83 16.23 -9.45
CA ALA B 146 24.16 15.00 -9.93
C ALA B 146 24.50 14.80 -11.40
N THR B 147 25.02 13.64 -11.79
CA THR B 147 25.20 13.26 -13.23
C THR B 147 24.56 11.90 -13.48
N THR B 148 24.27 11.59 -14.75
CA THR B 148 23.81 10.25 -15.21
C THR B 148 24.74 9.73 -16.32
N GLY B 149 24.72 8.42 -16.53
CA GLY B 149 25.20 7.79 -17.77
C GLY B 149 26.39 6.85 -17.54
N THR B 150 27.15 7.07 -16.47
CA THR B 150 28.34 6.25 -16.13
C THR B 150 27.84 4.94 -15.49
N ASP B 151 28.13 3.80 -16.15
CA ASP B 151 27.62 2.43 -15.83
C ASP B 151 26.09 2.44 -15.89
N GLY B 152 25.51 3.36 -16.67
CA GLY B 152 24.06 3.66 -16.70
C GLY B 152 23.48 3.87 -15.30
N ASN B 153 24.26 4.47 -14.39
CA ASN B 153 23.86 4.75 -12.99
C ASN B 153 23.61 6.26 -12.81
N LEU B 154 22.89 6.64 -11.77
CA LEU B 154 22.75 8.04 -11.33
C LEU B 154 23.72 8.27 -10.16
N GLU B 155 24.75 9.10 -10.36
CA GLU B 155 25.70 9.55 -9.32
C GLU B 155 25.17 10.86 -8.76
N LEU B 156 24.60 10.81 -7.55
CA LEU B 156 24.03 11.99 -6.87
C LEU B 156 25.18 12.96 -6.56
N THR B 157 26.31 12.47 -6.04
CA THR B 157 27.45 13.33 -5.62
C THR B 157 28.70 13.05 -6.48
N ARG B 158 29.68 13.94 -6.40
CA ARG B 158 30.82 14.01 -7.37
C ARG B 158 31.73 12.82 -7.13
N VAL B 159 32.16 12.16 -8.21
CA VAL B 159 33.11 11.01 -8.18
C VAL B 159 34.18 11.24 -9.25
N SER B 160 35.42 10.84 -8.98
CA SER B 160 36.59 10.91 -9.91
C SER B 160 36.48 9.80 -10.96
N SER B 161 37.22 9.96 -12.07
CA SER B 161 37.45 8.91 -13.09
C SER B 161 37.95 7.63 -12.40
N ASN B 162 38.87 7.78 -11.42
CA ASN B 162 39.52 6.68 -10.66
C ASN B 162 38.59 6.10 -9.58
N GLY B 163 37.30 6.47 -9.55
CA GLY B 163 36.27 5.88 -8.67
C GLY B 163 36.12 6.57 -7.32
N SER B 164 36.89 7.62 -7.04
CA SER B 164 36.98 8.31 -5.71
C SER B 164 35.87 9.35 -5.51
N PRO B 165 35.10 9.25 -4.40
CA PRO B 165 34.10 10.26 -4.07
C PRO B 165 34.76 11.52 -3.48
N GLN B 166 34.26 12.71 -3.88
CA GLN B 166 34.73 14.04 -3.41
C GLN B 166 33.87 14.50 -2.23
N GLY B 167 34.48 15.30 -1.35
CA GLY B 167 33.81 15.95 -0.21
C GLY B 167 33.17 17.24 -0.68
N SER B 168 32.44 17.90 0.22
CA SER B 168 31.71 19.16 -0.06
C SER B 168 30.99 19.08 -1.41
N SER B 169 30.42 17.90 -1.74
CA SER B 169 29.54 17.66 -2.91
C SER B 169 28.08 17.54 -2.49
N VAL B 170 27.17 17.97 -3.36
CA VAL B 170 25.71 17.84 -3.16
C VAL B 170 25.04 17.76 -4.53
N GLY B 171 24.05 16.88 -4.64
CA GLY B 171 23.36 16.59 -5.91
C GLY B 171 21.96 16.02 -5.68
N ARG B 172 21.08 16.27 -6.64
CA ARG B 172 19.69 15.76 -6.59
C ARG B 172 19.25 15.40 -8.01
N ALA B 173 18.28 14.50 -8.11
CA ALA B 173 17.55 14.13 -9.33
C ALA B 173 16.04 14.16 -9.03
N LEU B 174 15.30 14.97 -9.79
CA LEU B 174 13.82 15.09 -9.68
C LEU B 174 13.14 14.50 -10.93
N PHE B 175 12.05 13.75 -10.76
CA PHE B 175 11.23 13.31 -11.91
C PHE B 175 10.70 14.60 -12.54
N TYR B 176 10.78 14.71 -13.85
CA TYR B 176 10.42 15.93 -14.61
C TYR B 176 8.97 16.33 -14.28
N ALA B 177 8.07 15.34 -14.27
CA ALA B 177 6.60 15.56 -14.20
C ALA B 177 6.18 15.86 -12.78
N PRO B 178 5.39 16.92 -12.55
CA PRO B 178 4.74 17.11 -11.26
C PRO B 178 3.77 15.95 -10.96
N VAL B 179 3.55 15.68 -9.69
CA VAL B 179 2.77 14.51 -9.18
C VAL B 179 1.62 15.06 -8.36
N HIS B 180 0.42 14.58 -8.65
CA HIS B 180 -0.81 14.90 -7.88
C HIS B 180 -0.82 14.00 -6.65
N ILE B 181 -0.32 14.49 -5.52
CA ILE B 181 0.06 13.64 -4.36
C ILE B 181 -1.17 13.42 -3.47
N TRP B 182 -2.03 14.42 -3.30
CA TRP B 182 -3.33 14.28 -2.60
C TRP B 182 -4.44 15.08 -3.31
N GLU B 183 -5.69 14.67 -3.09
CA GLU B 183 -6.91 15.29 -3.65
C GLU B 183 -8.02 15.13 -2.60
N SER B 184 -8.74 16.20 -2.28
CA SER B 184 -9.78 16.21 -1.22
C SER B 184 -11.00 15.39 -1.66
N SER B 185 -11.09 15.04 -2.95
CA SER B 185 -12.22 14.29 -3.58
C SER B 185 -11.87 12.81 -3.73
N ALA B 186 -10.70 12.37 -3.23
CA ALA B 186 -10.21 10.97 -3.35
C ALA B 186 -10.57 10.18 -2.08
N VAL B 187 -10.99 8.93 -2.26
CA VAL B 187 -11.37 8.02 -1.13
C VAL B 187 -10.09 7.36 -0.63
N VAL B 188 -9.16 7.06 -1.54
CA VAL B 188 -7.83 6.47 -1.21
C VAL B 188 -6.77 7.07 -2.13
N ALA B 189 -5.85 7.84 -1.56
CA ALA B 189 -4.57 8.28 -2.17
C ALA B 189 -3.43 7.39 -1.62
N SER B 190 -2.48 6.99 -2.46
CA SER B 190 -1.33 6.17 -2.02
C SER B 190 -0.13 6.41 -2.93
N PHE B 191 1.05 6.07 -2.44
CA PHE B 191 2.29 6.09 -3.25
C PHE B 191 3.35 5.14 -2.70
N GLU B 192 4.25 4.77 -3.59
CA GLU B 192 5.30 3.75 -3.37
C GLU B 192 6.54 4.21 -4.15
N ALA B 193 7.70 4.13 -3.54
CA ALA B 193 8.99 4.52 -4.13
C ALA B 193 10.00 3.44 -3.74
N THR B 194 10.79 2.99 -4.70
CA THR B 194 11.80 1.93 -4.51
C THR B 194 13.08 2.42 -5.17
N PHE B 195 14.20 2.37 -4.48
CA PHE B 195 15.49 2.63 -5.14
C PHE B 195 16.52 1.64 -4.61
N THR B 196 17.51 1.32 -5.43
CA THR B 196 18.68 0.49 -5.08
C THR B 196 19.87 1.45 -5.18
N PHE B 197 20.85 1.26 -4.31
CA PHE B 197 21.94 2.23 -4.06
C PHE B 197 23.22 1.50 -3.66
N LEU B 198 24.35 2.14 -3.92
CA LEU B 198 25.70 1.61 -3.58
C LEU B 198 26.48 2.76 -2.96
N ILE B 199 26.66 2.71 -1.63
CA ILE B 199 27.47 3.66 -0.82
C ILE B 199 28.80 2.98 -0.49
N LYS B 200 29.90 3.53 -1.07
CA LYS B 200 31.29 3.06 -0.89
C LYS B 200 32.14 4.24 -0.41
N SER B 201 32.88 4.04 0.69
CA SER B 201 33.77 5.03 1.32
C SER B 201 35.16 4.43 1.51
N PRO B 202 36.28 5.09 1.12
CA PRO B 202 37.61 4.52 1.30
C PRO B 202 38.03 4.58 2.78
N ASP B 203 37.52 5.57 3.52
CA ASP B 203 37.70 5.72 4.99
C ASP B 203 36.73 4.78 5.73
N SER B 204 36.99 4.52 7.00
CA SER B 204 36.07 3.81 7.93
C SER B 204 34.96 4.77 8.43
N HIS B 205 34.95 6.01 7.93
CA HIS B 205 33.92 7.05 8.23
C HIS B 205 33.29 7.54 6.92
N PRO B 206 32.17 6.92 6.44
CA PRO B 206 31.41 7.45 5.30
C PRO B 206 30.52 8.62 5.72
N ALA B 207 30.26 9.57 4.81
CA ALA B 207 29.32 10.70 4.99
C ALA B 207 28.78 11.09 3.63
N ASP B 208 27.55 11.62 3.54
CA ASP B 208 26.65 11.92 4.66
C ASP B 208 25.33 11.15 4.50
N GLY B 209 24.93 10.84 3.27
CA GLY B 209 23.83 9.90 2.99
C GLY B 209 22.98 10.24 1.76
N ILE B 210 21.88 9.51 1.63
CA ILE B 210 20.93 9.59 0.49
C ILE B 210 19.54 9.75 1.09
N ALA B 211 18.70 10.53 0.44
CA ALA B 211 17.30 10.68 0.84
C ALA B 211 16.42 10.59 -0.41
N PHE B 212 15.27 9.92 -0.29
CA PHE B 212 14.09 10.11 -1.16
C PHE B 212 13.30 11.25 -0.53
N PHE B 213 12.84 12.21 -1.32
CA PHE B 213 12.12 13.39 -0.82
C PHE B 213 10.99 13.76 -1.78
N ILE B 214 10.00 14.45 -1.19
CA ILE B 214 8.81 15.01 -1.88
C ILE B 214 8.81 16.50 -1.55
N SER B 215 8.77 17.35 -2.56
CA SER B 215 8.90 18.82 -2.40
C SER B 215 7.85 19.55 -3.24
N ASN B 216 7.76 20.86 -2.98
CA ASN B 216 7.14 21.85 -3.89
C ASN B 216 7.82 21.67 -5.25
N ILE B 217 7.09 21.93 -6.34
CA ILE B 217 7.50 21.51 -7.72
C ILE B 217 8.79 22.25 -8.10
N ASP B 218 8.98 23.49 -7.63
CA ASP B 218 10.10 24.38 -8.06
C ASP B 218 11.27 24.26 -7.07
N SER B 219 11.29 23.20 -6.25
CA SER B 219 12.33 22.93 -5.22
C SER B 219 13.71 22.95 -5.88
N SER B 220 14.68 23.62 -5.24
CA SER B 220 16.09 23.63 -5.67
C SER B 220 16.99 23.45 -4.43
N ILE B 221 18.25 23.10 -4.66
CA ILE B 221 19.21 22.78 -3.55
C ILE B 221 19.34 24.05 -2.72
N PRO B 222 18.96 24.07 -1.42
CA PRO B 222 19.14 25.27 -0.62
C PRO B 222 20.64 25.54 -0.46
N SER B 223 21.00 26.81 -0.31
CA SER B 223 22.38 27.27 -0.04
C SER B 223 22.90 26.61 1.23
N GLY B 224 24.13 26.09 1.22
CA GLY B 224 24.84 25.63 2.43
C GLY B 224 24.42 24.23 2.89
N SER B 225 23.80 23.46 1.99
CA SER B 225 23.03 22.22 2.32
C SER B 225 23.92 21.00 2.12
N THR B 226 25.20 21.21 1.85
CA THR B 226 26.17 20.10 1.71
C THR B 226 26.32 19.44 3.07
N GLY B 227 26.96 18.26 3.10
CA GLY B 227 27.18 17.49 4.33
C GLY B 227 25.87 17.14 5.01
N ARG B 228 25.69 17.56 6.27
CA ARG B 228 24.66 17.03 7.20
C ARG B 228 23.23 17.40 6.82
N LEU B 229 23.01 18.34 5.90
CA LEU B 229 21.66 18.78 5.46
C LEU B 229 21.20 18.06 4.18
N LEU B 230 22.06 17.26 3.55
CA LEU B 230 21.67 16.22 2.56
C LEU B 230 21.03 16.82 1.29
N GLY B 231 21.36 18.06 0.91
CA GLY B 231 20.73 18.82 -0.19
C GLY B 231 19.26 19.17 0.04
N LEU B 232 18.75 19.04 1.26
CA LEU B 232 17.28 19.08 1.50
C LEU B 232 16.86 20.38 2.21
N PHE B 233 17.69 20.89 3.14
CA PHE B 233 17.35 21.96 4.12
C PHE B 233 18.39 23.07 4.15
N PRO B 234 17.94 24.33 4.38
CA PRO B 234 18.85 25.48 4.43
C PRO B 234 19.60 25.59 5.77
N ASP B 235 19.06 24.96 6.81
CA ASP B 235 19.62 25.00 8.20
C ASP B 235 19.17 23.75 8.94
N ALA B 236 19.54 23.63 10.22
CA ALA B 236 19.33 22.42 11.05
C ALA B 236 18.19 22.64 12.08
N ASN B 237 17.29 23.60 11.85
CA ASN B 237 16.11 23.80 12.75
C ASN B 237 15.22 22.54 12.70
#